data_6LKB
#
_entry.id   6LKB
#
_cell.length_a   60.954
_cell.length_b   60.928
_cell.length_c   127.044
_cell.angle_alpha   90.000
_cell.angle_beta   90.000
_cell.angle_gamma   90.000
#
_symmetry.space_group_name_H-M   'P 21 21 21'
#
loop_
_entity.id
_entity.type
_entity.pdbx_description
1 polymer 'Peptidyl-prolyl cis-trans isomerase CYP71'
2 non-polymer GLYCEROL
3 non-polymer 'COBALT (II) ION'
4 non-polymer 'PHOSPHATE ION'
5 non-polymer 'SULFATE ION'
6 water water
#
_entity_poly.entity_id   1
_entity_poly.type   'polypeptide(L)'
_entity_poly.pdbx_seq_one_letter_code
;SATTSLPENVIMHTTLGDIHMKLYPEECPKTVENFTTHCRNGYYDNHLFHRVIRGFMIQTGDPLGDGTGGQSIWGREFED
EFHKSLRHDRPFTLSMANAGPNTNGSQFFITTVATPWLDNKHTVFGRVVKGMDVVQGIEKVKTDKNDRPYQDVKILNVTV
;
_entity_poly.pdbx_strand_id   A,B
#
loop_
_chem_comp.id
_chem_comp.type
_chem_comp.name
_chem_comp.formula
CO non-polymer 'COBALT (II) ION' 'Co 2'
GOL non-polymer GLYCEROL 'C3 H8 O3'
PO4 non-polymer 'PHOSPHATE ION' 'O4 P -3'
SO4 non-polymer 'SULFATE ION' 'O4 S -2'
#
# COMPACT_ATOMS: atom_id res chain seq x y z
N SER A 1 7.84 -31.60 12.15
CA SER A 1 9.10 -31.01 12.57
C SER A 1 9.86 -30.38 11.39
N ALA A 2 9.95 -31.07 10.25
CA ALA A 2 10.42 -30.40 9.05
C ALA A 2 9.35 -29.44 8.55
N THR A 3 9.70 -28.18 8.36
CA THR A 3 8.70 -27.17 8.02
C THR A 3 9.38 -26.06 7.23
N THR A 4 8.73 -24.90 7.16
CA THR A 4 9.28 -23.72 6.51
C THR A 4 9.35 -22.61 7.54
N SER A 5 10.42 -21.80 7.47
CA SER A 5 10.63 -20.73 8.44
C SER A 5 9.49 -19.72 8.37
N LEU A 6 9.02 -19.27 9.53
CA LEU A 6 8.02 -18.21 9.54
C LEU A 6 8.67 -16.88 9.16
N PRO A 7 7.91 -16.00 8.50
CA PRO A 7 8.42 -14.66 8.23
C PRO A 7 8.66 -13.93 9.55
N GLU A 8 9.71 -13.12 9.60
CA GLU A 8 9.92 -12.35 10.83
C GLU A 8 10.03 -10.85 10.58
N ASN A 9 9.72 -10.38 9.38
CA ASN A 9 9.63 -8.95 9.09
C ASN A 9 8.48 -8.74 8.10
N VAL A 10 7.71 -7.68 8.33
CA VAL A 10 6.65 -7.27 7.42
C VAL A 10 6.73 -5.76 7.21
N ILE A 11 6.12 -5.32 6.12
CA ILE A 11 5.96 -3.90 5.84
C ILE A 11 4.47 -3.64 5.66
N MET A 12 3.89 -2.89 6.59
CA MET A 12 2.47 -2.55 6.54
C MET A 12 2.33 -1.18 5.88
N HIS A 13 1.77 -1.17 4.67
CA HIS A 13 1.46 0.08 3.97
C HIS A 13 0.11 0.61 4.44
N THR A 14 0.07 1.88 4.85
CA THR A 14 -1.18 2.51 5.28
C THR A 14 -1.39 3.82 4.53
N THR A 15 -2.61 4.35 4.69
CA THR A 15 -2.97 5.65 4.15
C THR A 15 -1.95 6.73 4.49
N LEU A 16 -1.32 6.65 5.66
CA LEU A 16 -0.44 7.71 6.13
C LEU A 16 1.03 7.31 6.10
N GLY A 17 1.39 6.21 5.43
CA GLY A 17 2.77 5.80 5.31
C GLY A 17 2.97 4.36 5.73
N ASP A 18 4.23 3.95 5.73
CA ASP A 18 4.57 2.55 5.86
C ASP A 18 5.18 2.27 7.24
N ILE A 19 4.75 1.17 7.85
CA ILE A 19 5.19 0.75 9.18
C ILE A 19 5.90 -0.59 9.04
N HIS A 20 7.21 -0.60 9.30
CA HIS A 20 8.01 -1.82 9.20
C HIS A 20 8.08 -2.48 10.56
N MET A 21 7.75 -3.78 10.64
CA MET A 21 7.68 -4.45 11.92
C MET A 21 8.48 -5.75 11.92
N LYS A 22 9.18 -5.99 13.03
CA LYS A 22 9.83 -7.27 13.28
C LYS A 22 8.93 -8.12 14.16
N LEU A 23 8.94 -9.43 13.91
CA LEU A 23 8.05 -10.37 14.58
C LEU A 23 8.88 -11.38 15.37
N TYR A 24 8.20 -12.08 16.29
CA TYR A 24 8.84 -13.03 17.20
C TYR A 24 8.28 -14.44 16.99
N PRO A 25 8.60 -15.07 15.86
CA PRO A 25 8.01 -16.39 15.59
C PRO A 25 8.51 -17.50 16.50
N GLU A 26 9.72 -17.41 17.05
CA GLU A 26 10.18 -18.48 17.93
C GLU A 26 9.40 -18.48 19.24
N GLU A 27 9.07 -17.29 19.74
CA GLU A 27 8.31 -17.19 20.98
C GLU A 27 6.82 -17.40 20.74
N CYS A 28 6.31 -16.92 19.61
CA CYS A 28 4.87 -16.85 19.36
C CYS A 28 4.56 -17.46 17.99
N PRO A 29 4.78 -18.77 17.83
CA PRO A 29 4.64 -19.32 16.48
C PRO A 29 3.21 -19.28 15.95
N LYS A 30 2.21 -19.56 16.79
CA LYS A 30 0.84 -19.53 16.29
C LYS A 30 0.42 -18.11 15.93
N THR A 31 0.75 -17.15 16.79
CA THR A 31 0.37 -15.77 16.56
C THR A 31 1.06 -15.21 15.32
N VAL A 32 2.34 -15.53 15.12
CA VAL A 32 3.02 -15.05 13.94
C VAL A 32 2.51 -15.74 12.68
N GLU A 33 2.22 -17.05 12.76
CA GLU A 33 1.68 -17.74 11.59
C GLU A 33 0.33 -17.17 11.20
N ASN A 34 -0.56 -16.99 12.19
CA ASN A 34 -1.87 -16.40 11.92
C ASN A 34 -1.72 -15.04 11.25
N PHE A 35 -0.87 -14.19 11.82
CA PHE A 35 -0.72 -12.83 11.30
C PHE A 35 -0.14 -12.82 9.89
N THR A 36 0.98 -13.52 9.67
CA THR A 36 1.66 -13.44 8.39
C THR A 36 0.89 -14.17 7.27
N THR A 37 0.17 -15.24 7.61
CA THR A 37 -0.68 -15.86 6.60
C THR A 37 -1.81 -14.93 6.20
N HIS A 38 -2.48 -14.29 7.17
CA HIS A 38 -3.47 -13.28 6.84
C HIS A 38 -2.88 -12.17 5.97
N CYS A 39 -1.68 -11.69 6.34
CA CYS A 39 -1.02 -10.65 5.55
C CYS A 39 -0.81 -11.10 4.10
N ARG A 40 -0.15 -12.26 3.93
CA ARG A 40 0.16 -12.75 2.59
C ARG A 40 -1.10 -12.93 1.75
N ASN A 41 -2.19 -13.37 2.39
CA ASN A 41 -3.42 -13.62 1.64
C ASN A 41 -4.26 -12.36 1.42
N GLY A 42 -3.80 -11.21 1.90
CA GLY A 42 -4.55 -9.99 1.70
C GLY A 42 -5.73 -9.81 2.63
N TYR A 43 -5.80 -10.63 3.68
CA TYR A 43 -6.91 -10.56 4.62
C TYR A 43 -7.06 -9.16 5.19
N TYR A 44 -5.94 -8.49 5.47
CA TYR A 44 -5.99 -7.19 6.13
C TYR A 44 -6.12 -6.03 5.14
N ASP A 45 -6.14 -6.30 3.84
CA ASP A 45 -6.22 -5.23 2.86
C ASP A 45 -7.49 -4.40 3.09
N ASN A 46 -7.30 -3.09 3.17
CA ASN A 46 -8.36 -2.09 3.29
C ASN A 46 -9.02 -2.08 4.66
N HIS A 47 -8.45 -2.76 5.65
CA HIS A 47 -9.02 -2.68 7.00
C HIS A 47 -8.78 -1.31 7.61
N LEU A 48 -9.79 -0.81 8.33
CA LEU A 48 -9.65 0.45 9.03
C LEU A 48 -8.78 0.31 10.27
N PHE A 49 -8.08 1.39 10.61
CA PHE A 49 -7.68 1.61 12.00
C PHE A 49 -8.92 2.18 12.68
N HIS A 50 -9.77 1.29 13.19
CA HIS A 50 -11.11 1.66 13.62
C HIS A 50 -11.15 2.20 15.04
N ARG A 51 -10.07 2.02 15.80
CA ARG A 51 -10.04 2.45 17.20
C ARG A 51 -8.66 3.06 17.42
N VAL A 52 -8.62 4.38 17.62
CA VAL A 52 -7.37 5.11 17.74
C VAL A 52 -7.47 5.96 19.00
N ILE A 53 -6.53 5.76 19.93
CA ILE A 53 -6.57 6.44 21.22
C ILE A 53 -5.22 7.10 21.45
N ARG A 54 -5.16 8.42 21.31
CA ARG A 54 -3.91 9.14 21.43
C ARG A 54 -3.29 8.92 22.82
N GLY A 55 -1.97 8.77 22.83
CA GLY A 55 -1.28 8.42 24.05
C GLY A 55 -1.44 6.98 24.49
N PHE A 56 -1.98 6.11 23.65
CA PHE A 56 -2.19 4.72 24.04
C PHE A 56 -1.85 3.78 22.88
N MET A 57 -2.71 3.68 21.87
CA MET A 57 -2.49 2.67 20.83
C MET A 57 -3.41 2.93 19.65
N ILE A 58 -3.13 2.22 18.56
CA ILE A 58 -4.01 2.16 17.39
C ILE A 58 -4.35 0.69 17.12
N GLN A 59 -5.61 0.42 16.82
CA GLN A 59 -6.12 -0.94 16.67
C GLN A 59 -6.77 -1.12 15.31
N THR A 60 -6.54 -2.29 14.73
CA THR A 60 -6.98 -2.56 13.35
C THR A 60 -7.21 -4.07 13.19
N GLY A 61 -7.40 -4.50 11.94
CA GLY A 61 -7.47 -5.92 11.65
C GLY A 61 -8.86 -6.53 11.67
N ASP A 62 -9.91 -5.71 11.73
CA ASP A 62 -11.30 -6.19 11.72
C ASP A 62 -11.91 -6.01 10.35
N PRO A 63 -12.30 -7.09 9.65
CA PRO A 63 -13.01 -6.92 8.38
C PRO A 63 -14.26 -6.07 8.52
N LEU A 64 -14.93 -6.12 9.67
CA LEU A 64 -16.13 -5.33 9.92
C LEU A 64 -15.83 -3.89 10.32
N GLY A 65 -14.60 -3.57 10.69
CA GLY A 65 -14.22 -2.19 10.96
C GLY A 65 -14.83 -1.61 12.22
N ASP A 66 -15.23 -2.43 13.19
CA ASP A 66 -15.87 -1.87 14.38
C ASP A 66 -15.54 -2.63 15.66
N GLY A 67 -14.64 -3.60 15.62
CA GLY A 67 -14.22 -4.34 16.80
C GLY A 67 -14.91 -5.67 17.00
N THR A 68 -16.02 -5.92 16.31
CA THR A 68 -16.79 -7.13 16.55
C THR A 68 -16.40 -8.31 15.66
N GLY A 69 -15.56 -8.10 14.63
CA GLY A 69 -15.35 -9.11 13.61
C GLY A 69 -13.94 -9.66 13.56
N GLY A 70 -13.70 -10.47 12.55
CA GLY A 70 -12.41 -11.06 12.27
C GLY A 70 -12.27 -12.46 12.84
N GLN A 71 -11.45 -13.29 12.18
CA GLN A 71 -11.22 -14.67 12.57
C GLN A 71 -9.77 -15.03 12.36
N SER A 72 -9.29 -16.03 13.11
CA SER A 72 -7.97 -16.57 12.83
C SER A 72 -7.98 -17.39 11.55
N ILE A 73 -6.78 -17.75 11.08
CA ILE A 73 -6.68 -18.61 9.90
C ILE A 73 -7.23 -20.01 10.13
N TRP A 74 -7.52 -20.37 11.38
CA TRP A 74 -8.07 -21.67 11.71
C TRP A 74 -9.58 -21.66 11.89
N GLY A 75 -10.22 -20.51 11.66
CA GLY A 75 -11.66 -20.40 11.83
C GLY A 75 -12.15 -20.49 13.26
N ARG A 76 -11.25 -20.59 14.23
CA ARG A 76 -11.57 -20.63 15.64
C ARG A 76 -10.58 -19.74 16.36
N GLU A 77 -11.03 -19.08 17.44
CA GLU A 77 -10.10 -18.31 18.24
C GLU A 77 -9.01 -19.22 18.79
N PHE A 78 -7.80 -18.67 18.96
CA PHE A 78 -6.66 -19.49 19.35
C PHE A 78 -5.99 -18.91 20.59
N GLU A 79 -4.99 -19.64 21.07
CA GLU A 79 -4.46 -19.48 22.42
C GLU A 79 -3.49 -18.30 22.51
N ASP A 80 -3.45 -17.70 23.69
CA ASP A 80 -2.41 -16.72 24.02
C ASP A 80 -1.03 -17.36 24.04
N GLU A 81 -0.01 -16.56 23.72
CA GLU A 81 1.38 -17.02 23.72
C GLU A 81 2.23 -16.02 24.50
N PHE A 82 2.07 -16.03 25.83
CA PHE A 82 2.81 -15.12 26.68
C PHE A 82 4.22 -15.63 26.96
N HIS A 83 5.14 -14.68 27.17
CA HIS A 83 6.53 -14.96 27.54
C HIS A 83 7.04 -13.81 28.40
N LYS A 84 7.85 -14.14 29.42
CA LYS A 84 8.36 -13.08 30.28
C LYS A 84 9.33 -12.16 29.53
N SER A 85 9.97 -12.67 28.48
CA SER A 85 10.89 -11.85 27.70
C SER A 85 10.17 -10.90 26.75
N LEU A 86 8.85 -11.03 26.61
CA LEU A 86 8.08 -10.20 25.68
C LEU A 86 7.06 -9.42 26.48
N ARG A 87 7.27 -8.12 26.57
CA ARG A 87 6.46 -7.25 27.42
C ARG A 87 6.08 -6.00 26.62
N HIS A 88 5.01 -5.34 27.08
CA HIS A 88 4.65 -4.01 26.58
C HIS A 88 5.48 -2.96 27.32
N ASP A 89 6.80 -3.08 27.20
CA ASP A 89 7.71 -2.29 28.02
C ASP A 89 8.40 -1.18 27.23
N ARG A 90 7.92 -0.89 26.02
CA ARG A 90 8.44 0.20 25.20
C ARG A 90 7.37 0.57 24.19
N PRO A 91 7.41 1.79 23.67
CA PRO A 91 6.41 2.19 22.67
C PRO A 91 6.55 1.35 21.41
N PHE A 92 5.45 1.23 20.69
CA PHE A 92 5.43 0.66 19.34
C PHE A 92 5.56 -0.85 19.38
N THR A 93 5.01 -1.49 20.41
CA THR A 93 4.91 -2.94 20.43
C THR A 93 3.64 -3.37 19.67
N LEU A 94 3.73 -4.55 19.05
CA LEU A 94 2.66 -5.16 18.27
C LEU A 94 2.04 -6.30 19.08
N SER A 95 0.73 -6.24 19.31
CA SER A 95 0.04 -7.20 20.19
C SER A 95 -1.32 -7.56 19.61
N MET A 96 -1.87 -8.67 20.11
CA MET A 96 -3.20 -9.11 19.72
C MET A 96 -4.26 -8.47 20.59
N ALA A 97 -5.25 -7.84 19.96
CA ALA A 97 -6.46 -7.47 20.69
C ALA A 97 -7.26 -8.73 21.00
N ASN A 98 -8.06 -8.69 22.06
CA ASN A 98 -8.86 -9.87 22.37
C ASN A 98 -9.99 -9.51 23.32
N ALA A 99 -10.78 -10.53 23.67
CA ALA A 99 -11.92 -10.36 24.57
C ALA A 99 -11.79 -11.28 25.79
N GLY A 100 -10.56 -11.46 26.27
CA GLY A 100 -10.31 -12.33 27.39
C GLY A 100 -9.36 -13.44 27.01
N PRO A 101 -9.03 -14.31 27.96
CA PRO A 101 -7.99 -15.32 27.70
C PRO A 101 -8.35 -16.21 26.52
N ASN A 102 -7.36 -16.42 25.65
CA ASN A 102 -7.44 -17.38 24.54
C ASN A 102 -8.63 -17.09 23.61
N THR A 103 -8.76 -15.81 23.22
CA THR A 103 -9.79 -15.40 22.28
C THR A 103 -9.19 -14.64 21.09
N ASN A 104 -7.99 -15.06 20.67
CA ASN A 104 -7.30 -14.37 19.57
C ASN A 104 -7.95 -14.69 18.23
N GLY A 105 -8.17 -13.65 17.42
CA GLY A 105 -8.77 -13.81 16.12
C GLY A 105 -7.88 -13.22 15.05
N SER A 106 -8.23 -12.05 14.53
CA SER A 106 -7.38 -11.34 13.59
C SER A 106 -6.98 -9.94 14.04
N GLN A 107 -7.71 -9.32 14.98
CA GLN A 107 -7.43 -7.92 15.29
C GLN A 107 -6.15 -7.77 16.12
N PHE A 108 -5.43 -6.67 15.86
CA PHE A 108 -4.17 -6.38 16.54
C PHE A 108 -4.07 -4.88 16.76
N PHE A 109 -3.11 -4.49 17.61
CA PHE A 109 -2.89 -3.09 17.89
C PHE A 109 -1.39 -2.84 18.03
N ILE A 110 -1.03 -1.57 17.86
CA ILE A 110 0.34 -1.10 18.05
C ILE A 110 0.28 0.00 19.10
N THR A 111 1.09 -0.13 20.14
CA THR A 111 1.08 0.90 21.19
C THR A 111 1.92 2.10 20.77
N THR A 112 1.63 3.26 21.39
CA THR A 112 2.46 4.44 21.20
C THR A 112 3.21 4.83 22.47
N VAL A 113 3.02 4.06 23.53
CA VAL A 113 3.71 4.22 24.81
C VAL A 113 3.83 2.82 25.41
N ALA A 114 4.65 2.69 26.44
CA ALA A 114 4.64 1.43 27.19
C ALA A 114 3.29 1.22 27.85
N THR A 115 2.76 0.01 27.76
CA THR A 115 1.43 -0.31 28.32
C THR A 115 1.52 -1.57 29.20
N PRO A 116 2.20 -1.47 30.35
CA PRO A 116 2.43 -2.68 31.16
C PRO A 116 1.17 -3.35 31.68
N TRP A 117 0.06 -2.61 31.80
CA TRP A 117 -1.17 -3.26 32.26
C TRP A 117 -1.70 -4.27 31.27
N LEU A 118 -1.13 -4.34 30.06
CA LEU A 118 -1.54 -5.36 29.10
C LEU A 118 -0.67 -6.60 29.15
N ASP A 119 0.41 -6.59 29.94
CA ASP A 119 1.29 -7.76 30.05
C ASP A 119 0.53 -8.96 30.62
N ASN A 120 0.77 -10.13 30.02
CA ASN A 120 0.10 -11.38 30.37
C ASN A 120 -1.41 -11.31 30.19
N LYS A 121 -1.87 -10.35 29.40
CA LYS A 121 -3.25 -10.31 28.94
C LYS A 121 -3.39 -10.23 27.43
N HIS A 122 -2.37 -9.74 26.72
CA HIS A 122 -2.35 -9.68 25.26
C HIS A 122 -1.02 -10.20 24.76
N THR A 123 -1.07 -11.06 23.72
CA THR A 123 0.14 -11.61 23.14
C THR A 123 0.93 -10.51 22.44
N VAL A 124 2.13 -10.24 22.95
CA VAL A 124 3.10 -9.38 22.29
C VAL A 124 3.84 -10.23 21.27
N PHE A 125 3.77 -9.84 19.99
CA PHE A 125 4.41 -10.69 18.98
C PHE A 125 5.26 -9.92 17.97
N GLY A 126 5.52 -8.64 18.20
CA GLY A 126 6.44 -7.92 17.32
C GLY A 126 6.65 -6.51 17.82
N ARG A 127 7.39 -5.74 17.04
CA ARG A 127 7.57 -4.33 17.35
C ARG A 127 7.93 -3.57 16.09
N VAL A 128 7.62 -2.27 16.11
CA VAL A 128 7.91 -1.41 14.97
C VAL A 128 9.39 -1.06 14.96
N VAL A 129 10.03 -1.21 13.81
CA VAL A 129 11.44 -0.87 13.67
C VAL A 129 11.68 0.30 12.72
N LYS A 130 10.73 0.62 11.85
CA LYS A 130 10.82 1.79 11.00
C LYS A 130 9.39 2.28 10.76
N GLY A 131 9.23 3.60 10.66
CA GLY A 131 7.90 4.16 10.56
C GLY A 131 7.23 4.44 11.89
N MET A 132 7.98 4.54 12.98
CA MET A 132 7.40 4.99 14.24
C MET A 132 6.67 6.31 14.05
N ASP A 133 7.21 7.19 13.20
CA ASP A 133 6.55 8.48 12.97
C ASP A 133 5.21 8.31 12.28
N VAL A 134 5.04 7.26 11.46
CA VAL A 134 3.73 6.99 10.88
C VAL A 134 2.73 6.54 11.94
N VAL A 135 3.18 5.69 12.86
CA VAL A 135 2.32 5.30 13.97
C VAL A 135 1.84 6.55 14.72
N GLN A 136 2.77 7.46 15.00
CA GLN A 136 2.40 8.68 15.72
C GLN A 136 1.47 9.55 14.89
N GLY A 137 1.64 9.53 13.56
CA GLY A 137 0.71 10.26 12.70
C GLY A 137 -0.70 9.74 12.82
N ILE A 138 -0.87 8.42 12.73
CA ILE A 138 -2.19 7.83 12.89
C ILE A 138 -2.72 8.11 14.29
N GLU A 139 -1.85 8.02 15.29
CA GLU A 139 -2.28 8.16 16.68
C GLU A 139 -2.97 9.50 16.94
N LYS A 140 -2.63 10.53 16.16
CA LYS A 140 -3.06 11.89 16.46
C LYS A 140 -4.23 12.37 15.61
N VAL A 141 -4.80 11.53 14.75
CA VAL A 141 -5.91 11.98 13.90
C VAL A 141 -7.14 12.27 14.75
N LYS A 142 -8.01 13.13 14.24
CA LYS A 142 -9.23 13.48 14.96
C LYS A 142 -10.20 12.31 14.97
N THR A 143 -10.74 12.00 16.15
CA THR A 143 -11.63 10.86 16.33
C THR A 143 -12.94 11.32 16.96
N ASP A 144 -13.97 10.48 16.81
CA ASP A 144 -15.25 10.70 17.48
C ASP A 144 -15.23 10.13 18.89
N LYS A 145 -16.36 10.25 19.60
CA LYS A 145 -16.43 9.86 21.00
C LYS A 145 -16.14 8.39 21.23
N ASN A 146 -16.25 7.55 20.20
CA ASN A 146 -15.93 6.13 20.29
C ASN A 146 -14.54 5.82 19.73
N ASP A 147 -13.68 6.83 19.59
CA ASP A 147 -12.29 6.69 19.20
C ASP A 147 -12.13 6.25 17.75
N ARG A 148 -13.12 6.53 16.91
CA ARG A 148 -13.06 6.18 15.50
C ARG A 148 -12.67 7.39 14.69
N PRO A 149 -11.62 7.30 13.86
CA PRO A 149 -11.19 8.46 13.08
C PRO A 149 -12.31 8.98 12.18
N TYR A 150 -12.45 10.31 12.13
CA TYR A 150 -13.42 10.90 11.21
C TYR A 150 -13.06 10.58 9.76
N GLN A 151 -11.78 10.62 9.43
CA GLN A 151 -11.29 10.29 8.10
C GLN A 151 -10.64 8.92 8.16
N ASP A 152 -11.15 7.98 7.35
CA ASP A 152 -10.65 6.61 7.37
C ASP A 152 -9.14 6.58 7.17
N VAL A 153 -8.47 5.83 8.05
CA VAL A 153 -7.08 5.43 7.89
C VAL A 153 -7.09 3.94 7.72
N LYS A 154 -6.45 3.45 6.65
CA LYS A 154 -6.59 2.04 6.28
C LYS A 154 -5.23 1.38 6.17
N ILE A 155 -5.20 0.09 6.50
CA ILE A 155 -4.18 -0.79 5.95
C ILE A 155 -4.44 -0.92 4.45
N LEU A 156 -3.42 -0.66 3.64
CA LEU A 156 -3.52 -0.89 2.21
C LEU A 156 -3.13 -2.32 1.85
N ASN A 157 -2.01 -2.78 2.40
CA ASN A 157 -1.51 -4.14 2.23
C ASN A 157 -0.34 -4.29 3.18
N VAL A 158 -0.08 -5.52 3.62
CA VAL A 158 1.10 -5.84 4.40
C VAL A 158 1.91 -6.87 3.63
N THR A 159 3.12 -6.50 3.22
CA THR A 159 3.96 -7.44 2.47
C THR A 159 4.78 -8.30 3.42
N VAL A 160 5.04 -9.53 2.95
CA VAL A 160 5.63 -10.65 3.66
C VAL A 160 5.05 -10.78 5.07
N SER B 1 -18.40 24.80 -15.65
CA SER B 1 -17.24 25.62 -15.33
C SER B 1 -17.04 25.80 -13.81
N ALA B 2 -18.10 25.89 -13.01
CA ALA B 2 -17.94 25.67 -11.58
C ALA B 2 -17.71 24.18 -11.35
N THR B 3 -16.62 23.84 -10.67
CA THR B 3 -16.26 22.44 -10.54
C THR B 3 -15.46 22.25 -9.25
N THR B 4 -14.76 21.13 -9.16
CA THR B 4 -13.86 20.84 -8.06
C THR B 4 -12.45 20.66 -8.59
N SER B 5 -11.47 21.15 -7.84
CA SER B 5 -10.08 21.09 -8.27
C SER B 5 -9.62 19.63 -8.42
N LEU B 6 -8.88 19.35 -9.49
CA LEU B 6 -8.33 18.02 -9.64
C LEU B 6 -7.18 17.81 -8.64
N PRO B 7 -6.99 16.58 -8.17
CA PRO B 7 -5.80 16.29 -7.35
C PRO B 7 -4.55 16.52 -8.17
N GLU B 8 -3.50 17.01 -7.53
CA GLU B 8 -2.25 17.18 -8.27
C GLU B 8 -1.07 16.48 -7.60
N ASN B 9 -1.31 15.66 -6.58
CA ASN B 9 -0.29 14.82 -5.98
C ASN B 9 -0.91 13.49 -5.60
N VAL B 10 -0.18 12.40 -5.84
CA VAL B 10 -0.60 11.07 -5.42
C VAL B 10 0.58 10.35 -4.79
N ILE B 11 0.27 9.31 -4.02
CA ILE B 11 1.28 8.45 -3.43
C ILE B 11 0.95 7.02 -3.84
N MET B 12 1.79 6.45 -4.69
CA MET B 12 1.59 5.09 -5.19
C MET B 12 2.39 4.14 -4.31
N HIS B 13 1.68 3.35 -3.49
CA HIS B 13 2.32 2.30 -2.71
C HIS B 13 2.53 1.05 -3.55
N THR B 14 3.76 0.54 -3.59
CA THR B 14 4.06 -0.69 -4.32
C THR B 14 4.74 -1.72 -3.42
N THR B 15 4.80 -2.94 -3.94
CA THR B 15 5.53 -4.01 -3.29
C THR B 15 6.93 -3.60 -2.83
N LEU B 16 7.59 -2.71 -3.59
CA LEU B 16 8.98 -2.35 -3.29
C LEU B 16 9.13 -0.95 -2.71
N GLY B 17 8.04 -0.29 -2.32
CA GLY B 17 8.12 1.02 -1.73
C GLY B 17 7.16 1.99 -2.38
N ASP B 18 7.25 3.24 -1.94
CA ASP B 18 6.24 4.24 -2.28
C ASP B 18 6.81 5.25 -3.27
N ILE B 19 6.01 5.59 -4.28
CA ILE B 19 6.40 6.51 -5.35
C ILE B 19 5.45 7.71 -5.29
N HIS B 20 6.00 8.86 -4.92
CA HIS B 20 5.20 10.09 -4.80
C HIS B 20 5.27 10.84 -6.12
N MET B 21 4.12 11.19 -6.69
CA MET B 21 4.10 11.81 -8.01
C MET B 21 3.27 13.09 -8.01
N LYS B 22 3.79 14.11 -8.69
CA LYS B 22 3.03 15.32 -8.96
C LYS B 22 2.43 15.22 -10.36
N LEU B 23 1.22 15.80 -10.51
CA LEU B 23 0.46 15.70 -11.75
C LEU B 23 0.23 17.09 -12.33
N TYR B 24 -0.16 17.11 -13.61
CA TYR B 24 -0.35 18.35 -14.38
C TYR B 24 -1.80 18.49 -14.84
N PRO B 25 -2.72 18.75 -13.91
CA PRO B 25 -4.14 18.83 -14.30
C PRO B 25 -4.48 20.03 -15.19
N GLU B 26 -3.76 21.16 -15.07
CA GLU B 26 -4.09 22.30 -15.91
C GLU B 26 -3.82 22.00 -17.38
N GLU B 27 -2.72 21.30 -17.66
CA GLU B 27 -2.36 20.95 -19.02
C GLU B 27 -3.12 19.73 -19.53
N CYS B 28 -3.39 18.77 -18.65
CA CYS B 28 -3.89 17.45 -19.03
C CYS B 28 -5.11 17.10 -18.18
N PRO B 29 -6.18 17.87 -18.29
CA PRO B 29 -7.30 17.66 -17.36
C PRO B 29 -7.99 16.31 -17.54
N LYS B 30 -8.15 15.83 -18.78
CA LYS B 30 -8.80 14.55 -18.98
C LYS B 30 -7.93 13.42 -18.45
N THR B 31 -6.63 13.47 -18.77
CA THR B 31 -5.72 12.42 -18.34
C THR B 31 -5.59 12.38 -16.82
N VAL B 32 -5.51 13.54 -16.17
CA VAL B 32 -5.39 13.55 -14.71
C VAL B 32 -6.70 13.11 -14.08
N GLU B 33 -7.85 13.54 -14.62
CA GLU B 33 -9.13 13.07 -14.07
C GLU B 33 -9.24 11.56 -14.17
N ASN B 34 -8.97 11.01 -15.36
CA ASN B 34 -9.02 9.57 -15.54
C ASN B 34 -8.13 8.87 -14.52
N PHE B 35 -6.89 9.32 -14.39
CA PHE B 35 -5.93 8.66 -13.51
C PHE B 35 -6.36 8.76 -12.05
N THR B 36 -6.70 9.98 -11.59
CA THR B 36 -6.98 10.13 -10.16
C THR B 36 -8.31 9.52 -9.77
N THR B 37 -9.30 9.52 -10.65
CA THR B 37 -10.55 8.83 -10.33
C THR B 37 -10.32 7.33 -10.23
N HIS B 38 -9.56 6.76 -11.17
CA HIS B 38 -9.18 5.36 -11.05
C HIS B 38 -8.44 5.08 -9.74
N CYS B 39 -7.48 5.95 -9.38
CA CYS B 39 -6.75 5.78 -8.13
C CYS B 39 -7.70 5.76 -6.93
N ARG B 40 -8.53 6.79 -6.83
CA ARG B 40 -9.43 6.92 -5.69
C ARG B 40 -10.37 5.73 -5.59
N ASN B 41 -10.83 5.21 -6.73
CA ASN B 41 -11.78 4.10 -6.72
C ASN B 41 -11.10 2.74 -6.55
N GLY B 42 -9.78 2.69 -6.41
CA GLY B 42 -9.11 1.41 -6.24
C GLY B 42 -8.94 0.61 -7.51
N TYR B 43 -9.16 1.24 -8.66
CA TYR B 43 -9.05 0.54 -9.94
C TYR B 43 -7.66 -0.09 -10.10
N TYR B 44 -6.62 0.62 -9.66
CA TYR B 44 -5.25 0.13 -9.86
C TYR B 44 -4.78 -0.80 -8.75
N ASP B 45 -5.57 -1.04 -7.72
CA ASP B 45 -5.13 -1.90 -6.63
C ASP B 45 -4.76 -3.29 -7.16
N ASN B 46 -3.58 -3.75 -6.78
CA ASN B 46 -3.05 -5.07 -7.09
C ASN B 46 -2.65 -5.25 -8.55
N HIS B 47 -2.61 -4.19 -9.34
CA HIS B 47 -2.12 -4.32 -10.72
C HIS B 47 -0.63 -4.59 -10.75
N LEU B 48 -0.22 -5.45 -11.67
CA LEU B 48 1.20 -5.76 -11.83
C LEU B 48 1.91 -4.62 -12.56
N PHE B 49 3.20 -4.47 -12.26
CA PHE B 49 4.12 -3.85 -13.21
C PHE B 49 4.50 -4.97 -14.16
N HIS B 50 3.69 -5.11 -15.22
CA HIS B 50 3.76 -6.28 -16.09
C HIS B 50 4.83 -6.16 -17.16
N ARG B 51 5.38 -4.97 -17.37
CA ARG B 51 6.37 -4.76 -18.41
C ARG B 51 7.43 -3.84 -17.83
N VAL B 52 8.62 -4.38 -17.60
CA VAL B 52 9.70 -3.66 -16.95
C VAL B 52 10.93 -3.80 -17.84
N ILE B 53 11.48 -2.67 -18.28
CA ILE B 53 12.60 -2.67 -19.20
C ILE B 53 13.69 -1.78 -18.60
N ARG B 54 14.76 -2.41 -18.11
CA ARG B 54 15.83 -1.68 -17.45
C ARG B 54 16.45 -0.68 -18.41
N GLY B 55 16.75 0.52 -17.90
CA GLY B 55 17.23 1.59 -18.74
C GLY B 55 16.17 2.26 -19.61
N PHE B 56 14.89 1.99 -19.36
CA PHE B 56 13.83 2.60 -20.17
C PHE B 56 12.65 3.01 -19.29
N MET B 57 11.86 2.07 -18.82
CA MET B 57 10.63 2.45 -18.12
C MET B 57 10.01 1.23 -17.45
N ILE B 58 9.02 1.49 -16.60
CA ILE B 58 8.17 0.47 -16.02
C ILE B 58 6.72 0.80 -16.33
N GLN B 59 5.94 -0.21 -16.70
CA GLN B 59 4.59 -0.02 -17.19
C GLN B 59 3.62 -0.86 -16.38
N THR B 60 2.45 -0.29 -16.09
CA THR B 60 1.48 -0.91 -15.19
C THR B 60 0.07 -0.42 -15.57
N GLY B 61 -0.91 -0.72 -14.71
CA GLY B 61 -2.25 -0.20 -14.88
C GLY B 61 -3.20 -1.05 -15.68
N ASP B 62 -2.83 -2.31 -15.97
CA ASP B 62 -3.70 -3.22 -16.72
C ASP B 62 -4.37 -4.20 -15.78
N PRO B 63 -5.70 -4.21 -15.69
CA PRO B 63 -6.37 -5.23 -14.86
C PRO B 63 -6.02 -6.65 -15.29
N LEU B 64 -5.76 -6.85 -16.57
CA LEU B 64 -5.39 -8.18 -17.08
C LEU B 64 -3.91 -8.50 -16.89
N GLY B 65 -3.09 -7.49 -16.59
CA GLY B 65 -1.69 -7.73 -16.28
C GLY B 65 -0.84 -8.21 -17.45
N ASP B 66 -1.23 -7.89 -18.69
CA ASP B 66 -0.44 -8.38 -19.81
C ASP B 66 -0.35 -7.37 -20.97
N GLY B 67 -0.90 -6.17 -20.80
CA GLY B 67 -0.86 -5.14 -21.83
C GLY B 67 -2.11 -5.04 -22.68
N THR B 68 -2.99 -6.04 -22.65
CA THR B 68 -4.16 -6.04 -23.52
C THR B 68 -5.40 -5.40 -22.91
N GLY B 69 -5.42 -5.09 -21.61
CA GLY B 69 -6.65 -4.67 -20.98
C GLY B 69 -6.68 -3.25 -20.42
N GLY B 70 -7.71 -2.95 -19.64
CA GLY B 70 -7.92 -1.66 -19.01
C GLY B 70 -8.77 -0.73 -19.84
N GLN B 71 -9.45 0.19 -19.15
CA GLN B 71 -10.33 1.15 -19.80
C GLN B 71 -10.28 2.47 -19.06
N SER B 72 -10.63 3.54 -19.77
CA SER B 72 -10.79 4.84 -19.13
C SER B 72 -12.05 4.85 -18.26
N ILE B 73 -12.15 5.87 -17.41
CA ILE B 73 -13.34 6.03 -16.57
C ILE B 73 -14.59 6.33 -17.39
N TRP B 74 -14.44 6.61 -18.68
CA TRP B 74 -15.57 6.86 -19.55
C TRP B 74 -15.96 5.63 -20.38
N GLY B 75 -15.31 4.48 -20.15
CA GLY B 75 -15.60 3.29 -20.90
C GLY B 75 -15.16 3.31 -22.35
N ARG B 76 -14.69 4.45 -22.85
CA ARG B 76 -14.16 4.64 -24.19
C ARG B 76 -12.74 5.16 -24.08
N GLU B 77 -11.89 4.79 -25.03
CA GLU B 77 -10.58 5.40 -25.10
C GLU B 77 -10.72 6.90 -25.34
N PHE B 78 -9.77 7.68 -24.82
CA PHE B 78 -9.89 9.14 -24.88
C PHE B 78 -8.63 9.76 -25.49
N GLU B 79 -8.71 11.07 -25.70
CA GLU B 79 -7.76 11.79 -26.53
C GLU B 79 -6.43 12.02 -25.85
N ASP B 80 -5.38 12.12 -26.66
CA ASP B 80 -4.09 12.61 -26.18
C ASP B 80 -4.20 14.08 -25.76
N GLU B 81 -3.34 14.47 -24.82
CA GLU B 81 -3.27 15.86 -24.33
C GLU B 81 -1.81 16.31 -24.34
N PHE B 82 -1.27 16.52 -25.54
CA PHE B 82 0.12 16.94 -25.69
C PHE B 82 0.28 18.42 -25.42
N HIS B 83 1.45 18.78 -24.88
CA HIS B 83 1.85 20.17 -24.69
C HIS B 83 3.34 20.31 -24.90
N LYS B 84 3.76 21.40 -25.55
CA LYS B 84 5.18 21.61 -25.79
C LYS B 84 5.94 21.79 -24.47
N SER B 85 5.27 22.24 -23.43
CA SER B 85 5.91 22.40 -22.13
C SER B 85 6.07 21.10 -21.38
N LEU B 86 5.46 20.01 -21.85
CA LEU B 86 5.49 18.72 -21.16
C LEU B 86 6.19 17.73 -22.08
N ARG B 87 7.38 17.31 -21.68
CA ARG B 87 8.24 16.47 -22.50
C ARG B 87 8.79 15.33 -21.67
N HIS B 88 9.13 14.22 -22.36
CA HIS B 88 9.89 13.14 -21.72
C HIS B 88 11.37 13.52 -21.70
N ASP B 89 11.66 14.65 -21.05
CA ASP B 89 12.98 15.26 -21.14
C ASP B 89 13.79 15.10 -19.86
N ARG B 90 13.34 14.25 -18.94
CA ARG B 90 14.08 13.92 -17.73
C ARG B 90 13.58 12.56 -17.24
N PRO B 91 14.37 11.86 -16.42
CA PRO B 91 13.92 10.57 -15.89
C PRO B 91 12.72 10.76 -14.98
N PHE B 92 11.96 9.67 -14.85
CA PHE B 92 10.87 9.57 -13.88
C PHE B 92 9.68 10.42 -14.29
N THR B 93 9.45 10.57 -15.59
CA THR B 93 8.22 11.18 -16.05
C THR B 93 7.10 10.14 -16.10
N LEU B 94 5.88 10.59 -15.83
CA LEU B 94 4.68 9.77 -15.80
C LEU B 94 3.88 10.02 -17.07
N SER B 95 3.57 8.96 -17.81
CA SER B 95 2.99 9.11 -19.14
C SER B 95 2.01 7.98 -19.41
N MET B 96 1.12 8.19 -20.38
CA MET B 96 0.13 7.18 -20.75
C MET B 96 0.68 6.23 -21.79
N ALA B 97 0.55 4.93 -21.53
CA ALA B 97 0.79 3.95 -22.60
C ALA B 97 -0.39 3.93 -23.55
N ASN B 98 -0.16 3.53 -24.80
CA ASN B 98 -1.28 3.52 -25.74
C ASN B 98 -0.93 2.65 -26.94
N ALA B 99 -1.87 2.60 -27.89
CA ALA B 99 -1.72 1.82 -29.12
C ALA B 99 -1.89 2.71 -30.35
N GLY B 100 -1.40 3.94 -30.27
CA GLY B 100 -1.54 4.88 -31.34
C GLY B 100 -2.36 6.08 -30.92
N PRO B 101 -2.56 7.04 -31.82
CA PRO B 101 -3.18 8.30 -31.44
C PRO B 101 -4.55 8.10 -30.79
N ASN B 102 -4.77 8.81 -29.68
CA ASN B 102 -6.08 8.88 -29.03
C ASN B 102 -6.63 7.49 -28.69
N THR B 103 -5.79 6.66 -28.06
CA THR B 103 -6.21 5.34 -27.60
C THR B 103 -5.94 5.17 -26.10
N ASN B 104 -6.06 6.25 -25.34
CA ASN B 104 -5.75 6.18 -23.91
C ASN B 104 -6.83 5.43 -23.14
N GLY B 105 -6.39 4.52 -22.27
CA GLY B 105 -7.27 3.71 -21.45
C GLY B 105 -6.95 3.91 -19.99
N SER B 106 -6.32 2.92 -19.35
CA SER B 106 -5.84 3.07 -17.98
C SER B 106 -4.34 2.84 -17.81
N GLN B 107 -3.68 2.19 -18.77
CA GLN B 107 -2.28 1.83 -18.55
C GLN B 107 -1.38 3.04 -18.65
N PHE B 108 -0.35 3.06 -17.81
CA PHE B 108 0.59 4.16 -17.73
C PHE B 108 1.99 3.61 -17.45
N PHE B 109 2.99 4.46 -17.61
CA PHE B 109 4.38 4.05 -17.39
C PHE B 109 5.15 5.20 -16.77
N ILE B 110 6.25 4.86 -16.11
CA ILE B 110 7.17 5.81 -15.53
C ILE B 110 8.54 5.53 -16.16
N THR B 111 9.16 6.56 -16.71
CA THR B 111 10.46 6.33 -17.34
C THR B 111 11.57 6.37 -16.29
N THR B 112 12.69 5.72 -16.60
CA THR B 112 13.88 5.80 -15.75
C THR B 112 15.00 6.60 -16.40
N VAL B 113 14.78 7.08 -17.62
CA VAL B 113 15.69 7.95 -18.36
C VAL B 113 14.82 8.89 -19.18
N ALA B 114 15.42 9.95 -19.72
CA ALA B 114 14.72 10.74 -20.71
C ALA B 114 14.41 9.89 -21.94
N THR B 115 13.18 10.02 -22.46
CA THR B 115 12.72 9.22 -23.59
C THR B 115 12.11 10.12 -24.66
N PRO B 116 12.92 10.97 -25.30
CA PRO B 116 12.36 11.97 -26.23
C PRO B 116 11.62 11.37 -27.42
N TRP B 117 11.91 10.14 -27.81
CA TRP B 117 11.18 9.56 -28.94
C TRP B 117 9.71 9.31 -28.61
N LEU B 118 9.30 9.47 -27.36
CA LEU B 118 7.90 9.35 -26.99
C LEU B 118 7.17 10.69 -27.01
N ASP B 119 7.88 11.80 -27.19
CA ASP B 119 7.25 13.11 -27.24
C ASP B 119 6.26 13.21 -28.40
N ASN B 120 5.10 13.81 -28.12
CA ASN B 120 4.00 13.94 -29.06
C ASN B 120 3.48 12.59 -29.54
N LYS B 121 3.75 11.53 -28.77
CA LYS B 121 3.13 10.24 -28.99
C LYS B 121 2.48 9.67 -27.74
N HIS B 122 2.91 10.07 -26.55
CA HIS B 122 2.32 9.67 -25.28
C HIS B 122 2.10 10.89 -24.41
N THR B 123 0.92 10.96 -23.78
CA THR B 123 0.60 12.08 -22.91
C THR B 123 1.46 12.02 -21.66
N VAL B 124 2.32 13.03 -21.50
CA VAL B 124 3.04 13.27 -20.26
C VAL B 124 2.10 13.98 -19.30
N PHE B 125 1.86 13.38 -18.13
CA PHE B 125 0.92 14.04 -17.21
C PHE B 125 1.38 14.09 -15.76
N GLY B 126 2.65 13.78 -15.48
CA GLY B 126 3.18 13.99 -14.15
C GLY B 126 4.64 13.62 -14.08
N ARG B 127 5.18 13.64 -12.86
CA ARG B 127 6.54 13.17 -12.65
C ARG B 127 6.75 12.76 -11.20
N VAL B 128 7.74 11.89 -10.99
CA VAL B 128 8.04 11.41 -9.66
C VAL B 128 8.81 12.49 -8.91
N VAL B 129 8.39 12.77 -7.67
CA VAL B 129 9.08 13.76 -6.84
C VAL B 129 9.72 13.13 -5.61
N LYS B 130 9.29 11.93 -5.21
CA LYS B 130 9.92 11.21 -4.11
C LYS B 130 9.75 9.72 -4.40
N GLY B 131 10.74 8.93 -4.00
CA GLY B 131 10.74 7.52 -4.34
C GLY B 131 11.32 7.21 -5.69
N MET B 132 12.15 8.09 -6.25
CA MET B 132 12.86 7.73 -7.49
C MET B 132 13.64 6.44 -7.29
N ASP B 133 14.21 6.26 -6.09
CA ASP B 133 14.96 5.03 -5.83
C ASP B 133 14.07 3.80 -5.89
N VAL B 134 12.78 3.94 -5.53
CA VAL B 134 11.86 2.80 -5.66
C VAL B 134 11.63 2.48 -7.13
N VAL B 135 11.48 3.50 -7.98
CA VAL B 135 11.36 3.27 -9.41
C VAL B 135 12.57 2.49 -9.90
N GLN B 136 13.76 2.91 -9.48
CA GLN B 136 14.99 2.23 -9.90
C GLN B 136 15.05 0.81 -9.37
N GLY B 137 14.52 0.58 -8.17
CA GLY B 137 14.44 -0.78 -7.66
C GLY B 137 13.57 -1.67 -8.52
N ILE B 138 12.38 -1.18 -8.88
CA ILE B 138 11.51 -1.97 -9.76
C ILE B 138 12.20 -2.18 -11.11
N GLU B 139 12.86 -1.14 -11.61
CA GLU B 139 13.46 -1.18 -12.94
C GLU B 139 14.46 -2.32 -13.08
N LYS B 140 15.11 -2.72 -11.98
CA LYS B 140 16.23 -3.67 -12.05
C LYS B 140 15.84 -5.11 -11.75
N VAL B 141 14.56 -5.40 -11.48
CA VAL B 141 14.20 -6.78 -11.13
C VAL B 141 14.41 -7.70 -12.33
N LYS B 142 14.63 -8.97 -12.04
CA LYS B 142 14.85 -9.94 -13.12
C LYS B 142 13.54 -10.22 -13.85
N THR B 143 13.60 -10.21 -15.18
CA THR B 143 12.44 -10.36 -16.05
C THR B 143 12.66 -11.48 -17.05
N ASP B 144 11.56 -11.97 -17.61
CA ASP B 144 11.61 -12.97 -18.67
C ASP B 144 11.76 -12.30 -20.04
N LYS B 145 11.80 -13.12 -21.10
CA LYS B 145 12.09 -12.59 -22.43
C LYS B 145 11.05 -11.59 -22.91
N ASN B 146 9.85 -11.58 -22.30
CA ASN B 146 8.81 -10.63 -22.62
C ASN B 146 8.78 -9.46 -21.64
N ASP B 147 9.84 -9.27 -20.85
CA ASP B 147 10.02 -8.15 -19.94
C ASP B 147 9.07 -8.20 -18.76
N ARG B 148 8.58 -9.39 -18.41
CA ARG B 148 7.69 -9.54 -17.26
C ARG B 148 8.46 -10.03 -16.05
N PRO B 149 8.41 -9.32 -14.94
CA PRO B 149 9.15 -9.74 -13.75
C PRO B 149 8.80 -11.17 -13.35
N TYR B 150 9.84 -11.94 -12.98
CA TYR B 150 9.62 -13.29 -12.48
C TYR B 150 8.82 -13.25 -11.18
N GLN B 151 9.13 -12.30 -10.30
CA GLN B 151 8.42 -12.11 -9.05
C GLN B 151 7.52 -10.88 -9.20
N ASP B 152 6.23 -11.06 -8.93
CA ASP B 152 5.28 -9.97 -9.14
C ASP B 152 5.68 -8.74 -8.33
N VAL B 153 5.67 -7.59 -8.99
CA VAL B 153 5.72 -6.28 -8.35
C VAL B 153 4.38 -5.63 -8.63
N LYS B 154 3.70 -5.17 -7.58
CA LYS B 154 2.32 -4.73 -7.70
C LYS B 154 2.16 -3.30 -7.20
N ILE B 155 1.23 -2.58 -7.83
CA ILE B 155 0.58 -1.47 -7.14
C ILE B 155 -0.26 -2.04 -6.02
N LEU B 156 -0.06 -1.54 -4.80
CA LEU B 156 -0.92 -1.90 -3.68
C LEU B 156 -2.14 -0.98 -3.60
N ASN B 157 -1.92 0.32 -3.71
CA ASN B 157 -2.96 1.34 -3.73
C ASN B 157 -2.28 2.65 -4.06
N VAL B 158 -3.03 3.56 -4.68
CA VAL B 158 -2.56 4.92 -4.91
C VAL B 158 -3.49 5.85 -4.16
N THR B 159 -2.94 6.61 -3.20
CA THR B 159 -3.80 7.51 -2.44
C THR B 159 -3.87 8.88 -3.10
N VAL B 160 -5.03 9.50 -2.92
CA VAL B 160 -5.47 10.78 -3.46
C VAL B 160 -5.16 10.93 -4.93
C1 GOL C . 10.99 3.89 3.52
O1 GOL C . 11.60 2.75 4.02
C2 GOL C . 9.47 3.65 3.56
O2 GOL C . 9.03 3.43 4.84
C3 GOL C . 8.90 4.95 2.96
O3 GOL C . 7.59 4.67 2.57
H11 GOL C . 11.25 4.09 2.61
H12 GOL C . 11.20 4.68 4.04
HO1 GOL C . 12.41 2.78 3.78
H2 GOL C . 9.21 2.87 3.07
HO2 GOL C . 8.18 3.47 4.83
H31 GOL C . 9.47 5.22 2.22
H32 GOL C . 8.97 5.66 3.61
HO3 GOL C . 7.65 4.07 1.97
CO CO D . 3.67 2.31 1.22
P PO4 E . -18.19 13.30 18.48
O1 PO4 E . -18.06 13.51 16.98
O2 PO4 E . -16.89 13.62 19.17
O3 PO4 E . -18.58 11.87 18.75
O4 PO4 E . -19.25 14.23 19.00
CO CO F . -6.41 -15.40 5.38
S SO4 G . -13.38 3.06 -11.82
O1 SO4 G . -13.39 1.77 -11.11
O2 SO4 G . -13.38 2.84 -13.27
O3 SO4 G . -12.18 3.78 -11.45
O4 SO4 G . -14.54 3.85 -11.44
P PO4 H . 13.17 -16.39 -20.14
O1 PO4 H . 13.77 -17.61 -20.79
O2 PO4 H . 14.24 -15.33 -20.00
O3 PO4 H . 12.65 -16.80 -18.77
O4 PO4 H . 12.05 -15.85 -20.99
CO CO I . 14.21 8.47 -3.95
#